data_4BRU
#
_entry.id   4BRU
#
_cell.length_a   105.831
_cell.length_b   105.831
_cell.length_c   124.648
_cell.angle_alpha   90.00
_cell.angle_beta   90.00
_cell.angle_gamma   90.00
#
_symmetry.space_group_name_H-M   'P 41 2 2'
#
loop_
_entity.id
_entity.type
_entity.pdbx_description
1 polymer 'ATP-DEPENDENT RNA HELICASE DHH1'
2 polymer 'ENHANCER OF MRNA-DECAPPING PROTEIN 3'
#
loop_
_entity_poly.entity_id
_entity_poly.type
_entity_poly.pdbx_seq_one_letter_code
_entity_poly.pdbx_strand_id
1 'polypeptide(L)'
;NTFEDFYLKRELLMGIFEAGFEKPSPIQEEAIPVAITGRDILARAKNGTGKTAAFVIPTLEKVKPKLNKIQALIMVPTRE
LALQTSQVVRTLGKHCGISCMVTTGGTNLRDDILRLNETVHILVGTPGRVLDLASRKVADLSDCSLFIMDEADKMLSRDF
KTIIEQILSFLPPTHQSLLFSATFPLTVDEFMDKHLHKPYEINLMEELTLKGITQYYAFVEERQKLHCLNTLFSKLQINQ
AIIFCNSTNRVELLAKKITDLGYSCYYSHARMKQQERNKVFHEFRQGKVRTLVCSDLLTRGIDIQAVNVVINFDFPKTAE
TYLHRIGRSGRFGHLGLAINLINWNDRFNLYKIEQELGTEIAAIPATIDKSLYVAEN
;
A
2 'polypeptide(L)' RSMQQNDYNQNRGEHIDWQDDDVSKIKQQEDFDFQRNLGMFNK B
#
# COMPACT_ATOMS: atom_id res chain seq x y z
N ASN A 1 -4.30 -7.24 -24.67
CA ASN A 1 -3.25 -8.08 -25.25
C ASN A 1 -1.91 -7.37 -25.32
N THR A 2 -1.87 -6.26 -26.06
CA THR A 2 -0.65 -5.45 -26.18
C THR A 2 -1.00 -3.97 -26.09
N PHE A 3 0.03 -3.14 -25.90
CA PHE A 3 -0.15 -1.70 -25.82
C PHE A 3 -0.55 -1.10 -27.17
N GLU A 4 -0.15 -1.76 -28.25
CA GLU A 4 -0.44 -1.29 -29.59
C GLU A 4 -1.94 -1.34 -29.88
N ASP A 5 -2.63 -2.25 -29.21
CA ASP A 5 -4.07 -2.40 -29.35
C ASP A 5 -4.79 -1.15 -28.85
N PHE A 6 -4.24 -0.54 -27.80
CA PHE A 6 -4.64 0.82 -27.46
C PHE A 6 -4.10 1.68 -28.60
N TYR A 7 -4.98 2.39 -29.29
CA TYR A 7 -4.51 3.21 -30.40
C TYR A 7 -3.94 4.53 -29.88
N LEU A 8 -2.63 4.53 -29.66
CA LEU A 8 -1.94 5.67 -29.07
C LEU A 8 -1.02 6.34 -30.09
N LYS A 9 -0.52 7.52 -29.72
CA LYS A 9 0.45 8.23 -30.55
C LYS A 9 1.65 7.34 -30.84
N ARG A 10 2.27 7.53 -31.99
CA ARG A 10 3.46 6.77 -32.35
C ARG A 10 4.53 6.94 -31.29
N GLU A 11 4.81 8.19 -30.94
CA GLU A 11 5.86 8.55 -30.00
C GLU A 11 5.63 7.97 -28.61
N LEU A 12 4.36 7.88 -28.20
CA LEU A 12 4.03 7.29 -26.91
C LEU A 12 4.37 5.80 -26.91
N LEU A 13 3.92 5.10 -27.95
CA LEU A 13 4.21 3.69 -28.11
C LEU A 13 5.71 3.44 -28.18
N MET A 14 6.43 4.36 -28.79
CA MET A 14 7.89 4.30 -28.82
C MET A 14 8.40 4.38 -27.39
N GLY A 15 7.90 5.34 -26.64
CA GLY A 15 8.27 5.51 -25.24
C GLY A 15 8.08 4.25 -24.41
N ILE A 16 6.93 3.61 -24.58
CA ILE A 16 6.61 2.37 -23.88
C ILE A 16 7.56 1.24 -24.30
N PHE A 17 7.82 1.16 -25.60
CA PHE A 17 8.70 0.13 -26.16
C PHE A 17 10.11 0.24 -25.60
N GLU A 18 10.62 1.46 -25.54
CA GLU A 18 11.96 1.71 -24.99
C GLU A 18 11.96 1.47 -23.50
N ALA A 19 10.83 1.73 -22.86
CA ALA A 19 10.68 1.50 -21.43
C ALA A 19 10.68 0.00 -21.11
N GLY A 20 10.30 -0.81 -22.10
CA GLY A 20 10.43 -2.26 -21.96
C GLY A 20 9.16 -3.00 -21.61
N PHE A 21 8.06 -2.27 -21.41
CA PHE A 21 6.77 -2.92 -21.19
C PHE A 21 6.37 -3.64 -22.47
N GLU A 22 5.92 -4.89 -22.32
CA GLU A 22 5.52 -5.67 -23.47
C GLU A 22 4.00 -5.86 -23.49
N LYS A 23 3.45 -6.32 -22.37
CA LYS A 23 2.00 -6.49 -22.26
C LYS A 23 1.45 -5.70 -21.06
N PRO A 24 0.26 -5.11 -21.25
CA PRO A 24 -0.31 -4.30 -20.16
C PRO A 24 -0.78 -5.15 -18.98
N SER A 25 -0.35 -4.77 -17.77
CA SER A 25 -0.82 -5.40 -16.54
C SER A 25 -2.31 -5.04 -16.41
N PRO A 26 -3.06 -5.74 -15.52
CA PRO A 26 -4.51 -5.57 -15.59
C PRO A 26 -5.00 -4.15 -15.30
N ILE A 27 -4.35 -3.47 -14.37
CA ILE A 27 -4.73 -2.10 -14.03
C ILE A 27 -4.64 -1.18 -15.25
N GLN A 28 -3.68 -1.48 -16.11
CA GLN A 28 -3.47 -0.72 -17.33
C GLN A 28 -4.56 -1.03 -18.36
N GLU A 29 -4.86 -2.32 -18.52
CA GLU A 29 -5.91 -2.78 -19.41
C GLU A 29 -7.26 -2.18 -19.05
N GLU A 30 -7.48 -1.98 -17.75
CA GLU A 30 -8.75 -1.44 -17.27
C GLU A 30 -8.80 0.09 -17.35
N ALA A 31 -7.74 0.74 -16.92
CA ALA A 31 -7.76 2.19 -16.77
C ALA A 31 -7.40 2.96 -18.04
N ILE A 32 -6.34 2.53 -18.74
CA ILE A 32 -5.89 3.24 -19.94
C ILE A 32 -6.98 3.49 -21.00
N PRO A 33 -7.82 2.49 -21.31
CA PRO A 33 -8.88 2.76 -22.28
C PRO A 33 -9.96 3.71 -21.76
N VAL A 34 -10.43 3.48 -20.53
CA VAL A 34 -11.46 4.33 -19.96
C VAL A 34 -10.98 5.77 -19.80
N ALA A 35 -9.70 5.92 -19.47
CA ALA A 35 -9.11 7.24 -19.28
C ALA A 35 -8.98 8.02 -20.59
N ILE A 36 -8.62 7.33 -21.67
CA ILE A 36 -8.40 8.00 -22.96
C ILE A 36 -9.72 8.36 -23.66
N THR A 37 -10.84 7.99 -23.07
CA THR A 37 -12.14 8.37 -23.61
C THR A 37 -12.66 9.63 -22.94
N GLY A 38 -12.08 9.98 -21.79
CA GLY A 38 -12.43 11.19 -21.10
C GLY A 38 -13.14 10.97 -19.77
N ARG A 39 -13.66 9.76 -19.58
CA ARG A 39 -14.40 9.44 -18.37
C ARG A 39 -13.51 9.45 -17.13
N ASP A 40 -14.05 9.93 -16.01
CA ASP A 40 -13.34 9.92 -14.75
C ASP A 40 -13.11 8.48 -14.28
N ILE A 41 -12.14 8.29 -13.39
CA ILE A 41 -11.84 6.98 -12.86
C ILE A 41 -11.60 7.05 -11.35
N LEU A 42 -12.14 6.08 -10.62
CA LEU A 42 -11.81 5.91 -9.22
C LEU A 42 -11.33 4.46 -9.04
N ALA A 43 -10.01 4.28 -9.01
CA ALA A 43 -9.45 2.94 -8.95
C ALA A 43 -8.78 2.63 -7.61
N ARG A 44 -8.93 1.39 -7.17
CA ARG A 44 -8.16 0.90 -6.07
C ARG A 44 -7.28 -0.21 -6.63
N ALA A 45 -5.97 -0.02 -6.52
CA ALA A 45 -5.01 -1.02 -6.95
C ALA A 45 -3.69 -0.78 -6.23
N LYS A 46 -2.90 -1.85 -6.09
CA LYS A 46 -1.61 -1.73 -5.41
C LYS A 46 -0.66 -0.84 -6.19
N ASN A 47 0.17 -0.10 -5.47
CA ASN A 47 1.11 0.84 -6.08
C ASN A 47 2.17 0.16 -6.91
N GLY A 48 2.76 0.91 -7.83
CA GLY A 48 3.82 0.41 -8.68
C GLY A 48 4.00 1.25 -9.93
N THR A 49 5.13 1.06 -10.61
CA THR A 49 5.39 1.72 -11.88
C THR A 49 4.33 1.28 -12.90
N GLY A 50 3.79 0.08 -12.71
CA GLY A 50 2.69 -0.41 -13.51
C GLY A 50 1.49 0.53 -13.48
N LYS A 51 1.03 0.89 -12.29
CA LYS A 51 -0.13 1.76 -12.11
C LYS A 51 0.18 3.21 -12.51
N THR A 52 1.33 3.70 -12.04
CA THR A 52 1.78 5.04 -12.37
C THR A 52 1.76 5.22 -13.88
N ALA A 53 2.22 4.21 -14.61
CA ALA A 53 2.13 4.21 -16.06
C ALA A 53 0.68 4.06 -16.52
N ALA A 54 -0.12 3.34 -15.75
CA ALA A 54 -1.52 3.13 -16.10
C ALA A 54 -2.27 4.45 -16.16
N PHE A 55 -1.79 5.46 -15.44
CA PHE A 55 -2.36 6.81 -15.69
C PHE A 55 -1.46 7.78 -16.48
N VAL A 56 -0.15 7.60 -16.42
CA VAL A 56 0.78 8.48 -17.13
C VAL A 56 0.65 8.31 -18.63
N ILE A 57 0.42 7.08 -19.07
CA ILE A 57 0.17 6.80 -20.48
C ILE A 57 -1.04 7.59 -21.04
N PRO A 58 -2.20 7.54 -20.37
CA PRO A 58 -3.30 8.40 -20.84
C PRO A 58 -2.93 9.88 -20.86
N THR A 59 -2.24 10.34 -19.82
CA THR A 59 -1.85 11.74 -19.71
C THR A 59 -1.01 12.17 -20.92
N LEU A 60 -0.02 11.37 -21.26
CA LEU A 60 0.83 11.64 -22.40
C LEU A 60 0.07 11.56 -23.72
N GLU A 61 -1.03 10.80 -23.72
CA GLU A 61 -1.86 10.68 -24.91
C GLU A 61 -2.71 11.93 -25.10
N LYS A 62 -3.23 12.47 -24.00
CA LYS A 62 -4.14 13.61 -24.06
C LYS A 62 -3.44 14.94 -24.31
N VAL A 63 -2.35 15.20 -23.59
CA VAL A 63 -1.70 16.50 -23.65
C VAL A 63 -1.15 16.84 -25.04
N LYS A 64 -1.39 18.06 -25.47
CA LYS A 64 -0.92 18.54 -26.76
C LYS A 64 0.41 19.27 -26.54
N PRO A 65 1.49 18.77 -27.15
CA PRO A 65 2.80 19.40 -27.02
C PRO A 65 2.78 20.82 -27.58
N LYS A 66 2.02 21.02 -28.65
CA LYS A 66 1.95 22.31 -29.33
C LYS A 66 1.41 23.44 -28.45
N LEU A 67 0.49 23.12 -27.55
CA LEU A 67 -0.01 24.11 -26.60
C LEU A 67 0.86 24.17 -25.35
N ASN A 68 1.50 25.31 -25.15
CA ASN A 68 2.41 25.49 -24.02
C ASN A 68 1.71 25.99 -22.76
N LYS A 69 0.85 25.15 -22.20
CA LYS A 69 0.20 25.45 -20.93
C LYS A 69 0.11 24.16 -20.12
N ILE A 70 -0.10 24.29 -18.81
CA ILE A 70 -0.29 23.11 -17.97
C ILE A 70 -1.60 22.43 -18.35
N GLN A 71 -1.50 21.19 -18.80
CA GLN A 71 -2.66 20.47 -19.30
C GLN A 71 -3.00 19.26 -18.43
N ALA A 72 -2.15 19.01 -17.43
CA ALA A 72 -2.36 17.88 -16.52
C ALA A 72 -1.68 18.11 -15.19
N LEU A 73 -2.46 18.00 -14.12
CA LEU A 73 -1.95 18.17 -12.77
C LEU A 73 -1.98 16.84 -12.03
N ILE A 74 -0.82 16.34 -11.62
CA ILE A 74 -0.73 15.08 -10.92
C ILE A 74 -0.36 15.29 -9.45
N MET A 75 -1.36 15.19 -8.59
CA MET A 75 -1.15 15.42 -7.16
C MET A 75 -0.63 14.16 -6.46
N VAL A 76 0.35 14.37 -5.59
CA VAL A 76 0.91 13.29 -4.77
C VAL A 76 1.23 13.82 -3.38
N PRO A 77 1.12 12.95 -2.35
CA PRO A 77 1.34 13.40 -0.97
C PRO A 77 2.81 13.62 -0.62
N THR A 78 3.69 12.72 -1.04
CA THR A 78 5.09 12.80 -0.70
C THR A 78 5.95 13.22 -1.88
N ARG A 79 7.11 13.80 -1.60
CA ARG A 79 8.00 14.28 -2.65
C ARG A 79 8.64 13.14 -3.43
N GLU A 80 9.05 12.08 -2.73
CA GLU A 80 9.65 10.91 -3.37
C GLU A 80 8.73 10.33 -4.44
N LEU A 81 7.43 10.39 -4.18
CA LEU A 81 6.44 9.91 -5.12
C LEU A 81 6.32 10.85 -6.32
N ALA A 82 6.49 12.15 -6.08
CA ALA A 82 6.49 13.12 -7.17
C ALA A 82 7.68 12.85 -8.08
N LEU A 83 8.80 12.48 -7.45
CA LEU A 83 10.03 12.14 -8.16
C LEU A 83 9.82 10.91 -9.03
N GLN A 84 9.41 9.81 -8.41
CA GLN A 84 9.19 8.55 -9.14
C GLN A 84 8.18 8.71 -10.27
N THR A 85 7.08 9.41 -9.97
CA THR A 85 6.04 9.68 -10.96
C THR A 85 6.60 10.44 -12.15
N SER A 86 7.20 11.60 -11.88
CA SER A 86 7.76 12.43 -12.93
C SER A 86 8.84 11.70 -13.72
N GLN A 87 9.47 10.72 -13.06
CA GLN A 87 10.50 9.93 -13.70
C GLN A 87 9.84 9.03 -14.74
N VAL A 88 8.75 8.37 -14.34
CA VAL A 88 7.98 7.57 -15.28
C VAL A 88 7.47 8.44 -16.44
N VAL A 89 7.07 9.66 -16.11
CA VAL A 89 6.56 10.61 -17.09
C VAL A 89 7.62 10.95 -18.14
N ARG A 90 8.80 11.36 -17.68
CA ARG A 90 9.89 11.70 -18.58
C ARG A 90 10.34 10.49 -19.39
N THR A 91 10.30 9.32 -18.78
CA THR A 91 10.69 8.08 -19.45
C THR A 91 9.75 7.75 -20.61
N LEU A 92 8.48 7.57 -20.31
CA LEU A 92 7.49 7.21 -21.32
C LEU A 92 7.27 8.32 -22.34
N GLY A 93 7.35 9.57 -21.89
CA GLY A 93 7.18 10.71 -22.76
C GLY A 93 8.50 11.20 -23.33
N LYS A 94 9.40 10.26 -23.55
CA LYS A 94 10.73 10.56 -24.08
C LYS A 94 10.67 11.21 -25.45
N HIS A 95 9.85 10.65 -26.33
CA HIS A 95 9.78 11.12 -27.70
C HIS A 95 8.54 11.97 -27.98
N CYS A 96 7.89 12.43 -26.92
CA CYS A 96 6.63 13.16 -27.07
C CYS A 96 6.81 14.68 -27.07
N GLY A 97 8.01 15.15 -26.73
CA GLY A 97 8.27 16.58 -26.67
C GLY A 97 7.39 17.28 -25.65
N ILE A 98 7.41 16.77 -24.42
CA ILE A 98 6.52 17.24 -23.39
C ILE A 98 7.28 17.55 -22.10
N SER A 99 7.13 18.78 -21.60
CA SER A 99 7.83 19.20 -20.39
C SER A 99 7.09 18.80 -19.13
N CYS A 100 7.78 18.14 -18.21
CA CYS A 100 7.19 17.76 -16.94
C CYS A 100 7.97 18.37 -15.77
N MET A 101 7.29 19.20 -14.98
CA MET A 101 7.94 19.84 -13.85
C MET A 101 7.47 19.26 -12.52
N VAL A 102 8.38 19.16 -11.57
CA VAL A 102 8.03 18.77 -10.21
C VAL A 102 8.07 20.01 -9.31
N THR A 103 7.11 20.10 -8.40
CA THR A 103 7.05 21.24 -7.50
C THR A 103 6.55 20.82 -6.11
N THR A 104 7.44 20.83 -5.13
CA THR A 104 7.13 20.27 -3.82
C THR A 104 7.48 21.20 -2.65
N GLY A 105 7.48 20.62 -1.45
CA GLY A 105 7.79 21.36 -0.23
C GLY A 105 9.27 21.40 0.06
N GLY A 106 10.01 20.39 -0.40
CA GLY A 106 11.43 20.33 -0.17
C GLY A 106 12.21 21.32 -1.04
N THR A 107 11.58 21.74 -2.13
CA THR A 107 12.22 22.64 -3.09
C THR A 107 12.10 24.10 -2.68
N ASN A 108 12.83 24.96 -3.38
CA ASN A 108 12.74 26.40 -3.17
C ASN A 108 11.66 27.02 -4.04
N LEU A 109 10.85 27.88 -3.42
CA LEU A 109 9.74 28.54 -4.11
C LEU A 109 10.23 29.42 -5.26
N ARG A 110 11.34 30.10 -5.04
CA ARG A 110 11.90 31.00 -6.04
C ARG A 110 12.28 30.27 -7.32
N ASP A 111 12.94 29.12 -7.17
CA ASP A 111 13.37 28.32 -8.32
C ASP A 111 12.19 27.74 -9.09
N ASP A 112 11.09 27.50 -8.38
CA ASP A 112 9.90 26.95 -9.02
C ASP A 112 9.14 28.01 -9.79
N ILE A 113 8.97 29.18 -9.17
CA ILE A 113 8.33 30.31 -9.84
C ILE A 113 9.16 30.74 -11.05
N LEU A 114 10.48 30.59 -10.93
CA LEU A 114 11.39 30.87 -12.04
C LEU A 114 11.22 29.83 -13.15
N ARG A 115 11.09 28.57 -12.74
CA ARG A 115 10.96 27.46 -13.69
C ARG A 115 9.65 27.55 -14.48
N LEU A 116 8.61 28.04 -13.82
CA LEU A 116 7.28 28.13 -14.44
C LEU A 116 7.19 29.22 -15.50
N ASN A 117 8.24 30.02 -15.61
CA ASN A 117 8.33 30.99 -16.69
C ASN A 117 8.48 30.30 -18.04
N GLU A 118 9.16 29.15 -18.03
CA GLU A 118 9.29 28.34 -19.22
C GLU A 118 8.09 27.41 -19.36
N THR A 119 8.02 26.71 -20.47
CA THR A 119 6.88 25.84 -20.76
C THR A 119 6.82 24.62 -19.86
N VAL A 120 5.65 24.38 -19.26
CA VAL A 120 5.38 23.16 -18.52
C VAL A 120 4.03 22.59 -18.97
N HIS A 121 4.03 21.32 -19.36
CA HIS A 121 2.80 20.68 -19.82
C HIS A 121 2.15 19.86 -18.71
N ILE A 122 2.95 19.02 -18.06
CA ILE A 122 2.46 18.16 -17.00
C ILE A 122 3.09 18.56 -15.68
N LEU A 123 2.26 19.04 -14.75
CA LEU A 123 2.75 19.46 -13.45
C LEU A 123 2.54 18.38 -12.39
N VAL A 124 3.61 18.07 -11.67
CA VAL A 124 3.57 17.05 -10.63
C VAL A 124 3.98 17.66 -9.31
N GLY A 125 3.05 17.72 -8.35
CA GLY A 125 3.36 18.36 -7.08
C GLY A 125 2.50 17.98 -5.89
N THR A 126 2.93 18.42 -4.72
CA THR A 126 2.23 18.17 -3.47
C THR A 126 1.20 19.27 -3.22
N PRO A 127 0.14 18.97 -2.43
CA PRO A 127 -0.97 19.90 -2.18
C PRO A 127 -0.56 21.32 -1.81
N GLY A 128 0.27 21.45 -0.78
CA GLY A 128 0.70 22.75 -0.30
C GLY A 128 1.33 23.62 -1.37
N ARG A 129 2.41 23.14 -1.96
CA ARG A 129 3.16 23.89 -2.96
C ARG A 129 2.30 24.24 -4.18
N VAL A 130 1.53 23.27 -4.67
CA VAL A 130 0.69 23.47 -5.84
C VAL A 130 -0.39 24.53 -5.58
N LEU A 131 -1.00 24.48 -4.39
CA LEU A 131 -2.02 25.48 -4.05
C LEU A 131 -1.39 26.85 -3.87
N ASP A 132 -0.15 26.85 -3.40
CA ASP A 132 0.60 28.09 -3.22
C ASP A 132 0.81 28.77 -4.56
N LEU A 133 1.41 28.04 -5.50
CA LEU A 133 1.66 28.55 -6.84
C LEU A 133 0.37 28.89 -7.59
N ALA A 134 -0.68 28.13 -7.30
CA ALA A 134 -1.96 28.35 -7.94
C ALA A 134 -2.57 29.67 -7.49
N SER A 135 -2.58 29.89 -6.19
CA SER A 135 -3.08 31.13 -5.60
C SER A 135 -2.26 32.32 -6.08
N ARG A 136 -0.96 32.09 -6.27
CA ARG A 136 -0.03 33.15 -6.69
C ARG A 136 -0.23 33.59 -8.14
N LYS A 137 -1.04 32.83 -8.87
CA LYS A 137 -1.24 33.00 -10.31
C LYS A 137 0.03 32.66 -11.11
N VAL A 138 1.04 32.15 -10.43
CA VAL A 138 2.27 31.75 -11.09
C VAL A 138 2.01 30.56 -12.01
N ALA A 139 1.24 29.60 -11.51
CA ALA A 139 0.88 28.43 -12.30
C ALA A 139 -0.51 28.58 -12.90
N ASP A 140 -0.57 28.67 -14.23
CA ASP A 140 -1.83 28.84 -14.95
C ASP A 140 -2.51 27.49 -15.20
N LEU A 141 -3.68 27.30 -14.60
CA LEU A 141 -4.41 26.05 -14.73
C LEU A 141 -5.71 26.22 -15.51
N SER A 142 -5.78 27.30 -16.29
CA SER A 142 -6.99 27.63 -17.03
C SER A 142 -7.24 26.67 -18.19
N ASP A 143 -6.20 25.97 -18.62
CA ASP A 143 -6.32 25.01 -19.70
C ASP A 143 -5.97 23.60 -19.24
N CYS A 144 -5.89 23.42 -17.92
CA CYS A 144 -5.55 22.12 -17.34
C CYS A 144 -6.78 21.23 -17.28
N SER A 145 -6.97 20.41 -18.30
CA SER A 145 -8.20 19.63 -18.43
C SER A 145 -8.14 18.29 -17.70
N LEU A 146 -6.99 17.97 -17.11
CA LEU A 146 -6.79 16.67 -16.51
C LEU A 146 -6.23 16.76 -15.09
N PHE A 147 -6.96 16.16 -14.14
CA PHE A 147 -6.56 16.19 -12.74
C PHE A 147 -6.40 14.76 -12.21
N ILE A 148 -5.24 14.48 -11.61
CA ILE A 148 -4.94 13.12 -11.15
C ILE A 148 -4.41 13.10 -9.71
N MET A 149 -4.90 12.14 -8.92
CA MET A 149 -4.42 11.94 -7.56
C MET A 149 -3.95 10.51 -7.33
N ASP A 150 -2.63 10.34 -7.18
CA ASP A 150 -2.08 9.06 -6.79
C ASP A 150 -1.90 9.08 -5.28
N GLU A 151 -2.10 7.93 -4.63
CA GLU A 151 -2.20 7.86 -3.18
C GLU A 151 -3.21 8.88 -2.68
N ALA A 152 -4.34 8.97 -3.37
CA ALA A 152 -5.37 9.97 -3.13
C ALA A 152 -5.89 9.95 -1.70
N ASP A 153 -5.92 8.76 -1.10
CA ASP A 153 -6.41 8.58 0.26
C ASP A 153 -5.58 9.39 1.27
N LYS A 154 -4.31 9.57 0.96
CA LYS A 154 -3.40 10.30 1.83
C LYS A 154 -3.65 11.80 1.77
N MET A 155 -4.34 12.24 0.71
CA MET A 155 -4.57 13.66 0.50
C MET A 155 -6.02 14.06 0.69
N LEU A 156 -6.85 13.11 1.13
CA LEU A 156 -8.25 13.40 1.41
C LEU A 156 -8.53 13.35 2.90
N SER A 157 -7.47 13.43 3.70
CA SER A 157 -7.61 13.54 5.14
C SER A 157 -8.23 14.90 5.47
N ARG A 158 -8.52 15.13 6.75
CA ARG A 158 -9.22 16.34 7.19
C ARG A 158 -8.63 17.64 6.64
N ASP A 159 -7.32 17.82 6.82
CA ASP A 159 -6.65 19.06 6.42
C ASP A 159 -6.41 19.16 4.92
N PHE A 160 -5.82 18.11 4.34
CA PHE A 160 -5.42 18.13 2.92
C PHE A 160 -6.61 18.31 1.99
N LYS A 161 -7.73 17.68 2.31
CA LYS A 161 -8.93 17.71 1.49
C LYS A 161 -9.35 19.13 1.14
N THR A 162 -9.25 20.03 2.12
CA THR A 162 -9.54 21.44 1.91
C THR A 162 -8.63 22.01 0.84
N ILE A 163 -7.33 21.77 1.00
CA ILE A 163 -6.33 22.26 0.05
C ILE A 163 -6.62 21.75 -1.36
N ILE A 164 -6.96 20.47 -1.45
CA ILE A 164 -7.31 19.85 -2.73
C ILE A 164 -8.48 20.57 -3.38
N GLU A 165 -9.52 20.80 -2.58
CA GLU A 165 -10.72 21.48 -3.08
C GLU A 165 -10.42 22.92 -3.53
N GLN A 166 -9.50 23.57 -2.83
CA GLN A 166 -9.10 24.93 -3.17
C GLN A 166 -8.27 24.97 -4.46
N ILE A 167 -7.50 23.91 -4.69
CA ILE A 167 -6.73 23.76 -5.92
C ILE A 167 -7.66 23.53 -7.09
N LEU A 168 -8.65 22.66 -6.87
CA LEU A 168 -9.63 22.30 -7.88
C LEU A 168 -10.43 23.50 -8.38
N SER A 169 -10.42 24.58 -7.60
CA SER A 169 -11.10 25.81 -7.97
C SER A 169 -10.51 26.39 -9.26
N PHE A 170 -9.20 26.27 -9.43
CA PHE A 170 -8.49 26.85 -10.57
C PHE A 170 -8.76 26.11 -11.87
N LEU A 171 -8.87 24.79 -11.76
CA LEU A 171 -9.13 23.93 -12.92
C LEU A 171 -10.42 24.36 -13.60
N PRO A 172 -10.50 24.18 -14.94
CA PRO A 172 -11.74 24.49 -15.66
C PRO A 172 -12.91 23.72 -15.07
N PRO A 173 -14.11 24.32 -15.08
CA PRO A 173 -15.33 23.69 -14.57
C PRO A 173 -15.50 22.26 -15.10
N THR A 174 -15.25 22.09 -16.40
CA THR A 174 -15.34 20.76 -17.01
C THR A 174 -13.96 20.13 -17.15
N HIS A 175 -13.59 19.25 -16.21
CA HIS A 175 -12.29 18.61 -16.23
C HIS A 175 -12.34 17.14 -15.84
N GLN A 176 -11.41 16.35 -16.37
CA GLN A 176 -11.33 14.93 -16.09
C GLN A 176 -10.58 14.67 -14.79
N SER A 177 -11.04 13.70 -14.01
CA SER A 177 -10.41 13.39 -12.73
C SER A 177 -10.07 11.91 -12.59
N LEU A 178 -8.84 11.62 -12.17
CA LEU A 178 -8.39 10.25 -11.98
C LEU A 178 -7.85 10.07 -10.56
N LEU A 179 -8.59 9.34 -9.74
CA LEU A 179 -8.19 9.15 -8.34
C LEU A 179 -7.78 7.70 -8.08
N PHE A 180 -6.52 7.51 -7.68
CA PHE A 180 -5.99 6.19 -7.41
C PHE A 180 -5.65 6.03 -5.94
N SER A 181 -5.89 4.84 -5.38
CA SER A 181 -5.49 4.56 -4.00
C SER A 181 -5.19 3.09 -3.70
N ALA A 182 -4.26 2.80 -2.83
CA ALA A 182 -4.06 1.47 -2.26
C ALA A 182 -5.05 0.93 -1.26
N THR A 183 -5.49 1.78 -0.36
CA THR A 183 -6.21 1.35 0.84
C THR A 183 -7.64 1.81 0.79
N PHE A 184 -8.56 0.90 1.06
CA PHE A 184 -9.90 1.02 0.59
C PHE A 184 -10.77 2.17 1.02
N PRO A 185 -10.83 2.48 2.29
CA PRO A 185 -11.86 3.47 2.66
C PRO A 185 -11.58 4.84 2.09
N LEU A 186 -12.66 5.51 1.77
CA LEU A 186 -12.62 6.90 1.36
C LEU A 186 -13.27 7.78 2.42
N THR A 187 -12.59 8.86 2.80
CA THR A 187 -13.04 9.70 3.90
C THR A 187 -14.40 10.36 3.66
N VAL A 188 -14.63 10.83 2.45
CA VAL A 188 -15.86 11.55 2.14
C VAL A 188 -16.41 11.27 0.75
N ASP A 189 -17.73 11.32 0.62
CA ASP A 189 -18.39 11.09 -0.67
C ASP A 189 -19.04 12.39 -1.19
N GLU A 190 -19.25 13.36 -0.31
CA GLU A 190 -19.65 14.69 -0.76
C GLU A 190 -18.61 15.15 -1.77
N PHE A 191 -17.35 14.98 -1.39
CA PHE A 191 -16.22 15.27 -2.26
C PHE A 191 -16.37 14.55 -3.59
N MET A 192 -16.72 13.26 -3.51
CA MET A 192 -16.84 12.42 -4.71
C MET A 192 -17.90 12.91 -5.67
N ASP A 193 -19.14 13.00 -5.19
CA ASP A 193 -20.26 13.44 -6.01
C ASP A 193 -20.10 14.86 -6.54
N LYS A 194 -19.38 15.69 -5.78
CA LYS A 194 -19.18 17.08 -6.20
C LYS A 194 -18.09 17.21 -7.27
N HIS A 195 -16.99 16.48 -7.09
CA HIS A 195 -15.79 16.69 -7.89
C HIS A 195 -15.52 15.61 -8.94
N LEU A 196 -16.33 14.56 -8.94
CA LEU A 196 -16.22 13.52 -9.97
C LEU A 196 -17.49 13.49 -10.80
N HIS A 197 -17.38 13.01 -12.04
CA HIS A 197 -18.53 12.95 -12.94
C HIS A 197 -18.64 11.59 -13.62
N LYS A 198 -19.71 10.87 -13.30
CA LYS A 198 -19.94 9.51 -13.80
C LYS A 198 -18.68 8.62 -13.78
N PRO A 199 -18.02 8.53 -12.61
CA PRO A 199 -16.72 7.86 -12.58
C PRO A 199 -16.81 6.36 -12.83
N TYR A 200 -15.87 5.83 -13.62
CA TYR A 200 -15.80 4.39 -13.81
C TYR A 200 -14.92 3.78 -12.73
N GLU A 201 -15.55 3.11 -11.78
CA GLU A 201 -14.84 2.56 -10.63
C GLU A 201 -14.10 1.27 -10.96
N ILE A 202 -12.83 1.22 -10.57
CA ILE A 202 -12.04 0.00 -10.67
C ILE A 202 -11.62 -0.45 -9.27
N ASN A 203 -11.63 -1.76 -9.03
CA ASN A 203 -11.17 -2.29 -7.75
C ASN A 203 -10.47 -3.64 -7.94
N LEU A 204 -9.15 -3.63 -7.78
CA LEU A 204 -8.34 -4.83 -7.99
C LEU A 204 -7.70 -5.32 -6.70
N MET A 205 -8.37 -5.06 -5.57
CA MET A 205 -7.91 -5.54 -4.28
C MET A 205 -9.08 -6.03 -3.46
N GLU A 206 -8.79 -6.82 -2.42
CA GLU A 206 -9.79 -7.17 -1.43
C GLU A 206 -10.22 -5.90 -0.70
N GLU A 207 -11.45 -5.91 -0.19
CA GLU A 207 -11.97 -4.77 0.55
C GLU A 207 -11.57 -4.89 2.02
N LEU A 208 -10.31 -4.57 2.30
CA LEU A 208 -9.76 -4.63 3.64
C LEU A 208 -8.90 -3.41 3.89
N THR A 209 -8.89 -2.93 5.13
CA THR A 209 -8.12 -1.74 5.47
C THR A 209 -7.13 -2.04 6.58
N LEU A 210 -5.96 -1.40 6.50
CA LEU A 210 -4.93 -1.52 7.52
C LEU A 210 -5.06 -0.34 8.48
N LYS A 211 -6.20 0.34 8.42
CA LYS A 211 -6.45 1.51 9.26
C LYS A 211 -6.46 1.13 10.73
N GLY A 212 -5.71 1.88 11.53
CA GLY A 212 -5.65 1.66 12.97
C GLY A 212 -4.63 0.61 13.37
N ILE A 213 -4.25 -0.24 12.40
CA ILE A 213 -3.30 -1.31 12.67
C ILE A 213 -1.86 -0.80 12.63
N THR A 214 -1.17 -0.93 13.75
CA THR A 214 0.22 -0.51 13.82
C THR A 214 1.15 -1.66 13.41
N GLN A 215 1.93 -1.45 12.36
CA GLN A 215 2.75 -2.52 11.79
C GLN A 215 4.24 -2.36 12.09
N TYR A 216 4.84 -3.44 12.58
CA TYR A 216 6.27 -3.49 12.85
C TYR A 216 6.88 -4.73 12.21
N TYR A 217 8.15 -4.62 11.82
CA TYR A 217 8.89 -5.80 11.37
C TYR A 217 10.08 -6.01 12.29
N ALA A 218 10.61 -7.24 12.27
CA ALA A 218 11.75 -7.59 13.09
C ALA A 218 12.61 -8.60 12.35
N PHE A 219 13.85 -8.21 12.04
CA PHE A 219 14.76 -9.13 11.38
C PHE A 219 15.11 -10.25 12.33
N VAL A 220 14.73 -11.47 11.96
CA VAL A 220 14.93 -12.64 12.81
C VAL A 220 15.39 -13.83 11.99
N GLU A 221 16.57 -14.36 12.33
CA GLU A 221 17.10 -15.54 11.63
C GLU A 221 16.14 -16.71 11.77
N GLU A 222 16.23 -17.67 10.86
CA GLU A 222 15.31 -18.81 10.83
C GLU A 222 15.35 -19.62 12.12
N ARG A 223 16.54 -19.81 12.67
CA ARG A 223 16.70 -20.60 13.88
C ARG A 223 16.29 -19.82 15.14
N GLN A 224 16.33 -18.50 15.05
CA GLN A 224 16.03 -17.65 16.21
C GLN A 224 14.54 -17.33 16.35
N LYS A 225 13.74 -17.82 15.41
CA LYS A 225 12.33 -17.44 15.33
C LYS A 225 11.50 -17.76 16.57
N LEU A 226 11.51 -19.02 17.00
CA LEU A 226 10.70 -19.47 18.12
C LEU A 226 11.00 -18.70 19.40
N HIS A 227 12.29 -18.50 19.67
CA HIS A 227 12.75 -17.71 20.81
C HIS A 227 12.14 -16.31 20.77
N CYS A 228 12.19 -15.70 19.58
CA CYS A 228 11.64 -14.37 19.38
C CYS A 228 10.13 -14.33 19.64
N LEU A 229 9.43 -15.33 19.12
CA LEU A 229 7.99 -15.43 19.28
C LEU A 229 7.62 -15.54 20.76
N ASN A 230 8.38 -16.35 21.48
CA ASN A 230 8.19 -16.47 22.93
C ASN A 230 8.45 -15.14 23.63
N THR A 231 9.49 -14.44 23.19
CA THR A 231 9.82 -13.14 23.76
C THR A 231 8.66 -12.18 23.57
N LEU A 232 7.98 -12.30 22.44
CA LEU A 232 6.82 -11.46 22.15
C LEU A 232 5.63 -11.83 23.03
N PHE A 233 5.35 -13.13 23.12
CA PHE A 233 4.29 -13.63 23.98
C PHE A 233 4.50 -13.16 25.43
N SER A 234 5.76 -12.99 25.80
CA SER A 234 6.14 -12.61 27.16
C SER A 234 6.08 -11.11 27.37
N LYS A 235 6.36 -10.35 26.31
CA LYS A 235 6.52 -8.91 26.41
C LYS A 235 5.28 -8.14 25.97
N LEU A 236 4.34 -8.84 25.34
CA LEU A 236 3.17 -8.17 24.78
C LEU A 236 1.89 -8.53 25.54
N GLN A 237 1.07 -7.53 25.80
CA GLN A 237 -0.22 -7.72 26.45
C GLN A 237 -1.26 -8.14 25.44
N ILE A 238 -1.55 -9.44 25.42
CA ILE A 238 -2.45 -10.01 24.42
C ILE A 238 -3.68 -10.64 25.07
N ASN A 239 -4.86 -10.22 24.64
CA ASN A 239 -6.07 -10.94 25.04
C ASN A 239 -6.30 -12.12 24.10
N GLN A 240 -5.91 -11.94 22.84
CA GLN A 240 -6.06 -12.97 21.83
C GLN A 240 -5.22 -12.63 20.59
N ALA A 241 -4.74 -13.64 19.88
CA ALA A 241 -3.82 -13.41 18.77
C ALA A 241 -3.92 -14.45 17.66
N ILE A 242 -3.46 -14.08 16.47
CA ILE A 242 -3.42 -15.00 15.34
C ILE A 242 -2.03 -15.00 14.71
N ILE A 243 -1.48 -16.20 14.50
CA ILE A 243 -0.17 -16.36 13.87
C ILE A 243 -0.33 -16.87 12.44
N PHE A 244 0.53 -16.41 11.54
CA PHE A 244 0.48 -16.86 10.15
C PHE A 244 1.77 -17.53 9.69
N CYS A 245 1.63 -18.64 8.98
CA CYS A 245 2.78 -19.35 8.42
C CYS A 245 2.53 -19.70 6.95
N ASN A 246 3.61 -19.88 6.20
CA ASN A 246 3.51 -20.11 4.76
C ASN A 246 3.35 -21.58 4.37
N SER A 247 3.17 -22.45 5.36
CA SER A 247 2.98 -23.87 5.09
C SER A 247 2.19 -24.58 6.19
N THR A 248 1.37 -25.54 5.78
CA THR A 248 0.55 -26.31 6.71
C THR A 248 1.41 -27.01 7.76
N ASN A 249 2.48 -27.65 7.29
CA ASN A 249 3.42 -28.33 8.16
C ASN A 249 3.95 -27.40 9.24
N ARG A 250 4.44 -26.25 8.83
CA ARG A 250 4.98 -25.25 9.75
C ARG A 250 3.89 -24.73 10.69
N VAL A 251 2.66 -24.65 10.19
CA VAL A 251 1.53 -24.24 11.01
C VAL A 251 1.31 -25.22 12.16
N GLU A 252 1.21 -26.51 11.82
CA GLU A 252 0.97 -27.55 12.82
C GLU A 252 2.12 -27.65 13.81
N LEU A 253 3.35 -27.72 13.28
CA LEU A 253 4.54 -27.80 14.12
C LEU A 253 4.66 -26.61 15.06
N LEU A 254 4.31 -25.42 14.56
CA LEU A 254 4.39 -24.21 15.38
C LEU A 254 3.32 -24.19 16.45
N ALA A 255 2.11 -24.60 16.09
CA ALA A 255 1.01 -24.66 17.05
C ALA A 255 1.35 -25.61 18.17
N LYS A 256 1.88 -26.78 17.80
CA LYS A 256 2.26 -27.80 18.77
C LYS A 256 3.43 -27.35 19.62
N LYS A 257 4.34 -26.57 19.03
CA LYS A 257 5.48 -26.05 19.78
C LYS A 257 5.03 -25.00 20.79
N ILE A 258 4.03 -24.21 20.39
CA ILE A 258 3.46 -23.17 21.25
C ILE A 258 2.74 -23.81 22.43
N THR A 259 1.93 -24.83 22.15
CA THR A 259 1.27 -25.57 23.21
C THR A 259 2.28 -26.25 24.12
N ASP A 260 3.41 -26.65 23.53
CA ASP A 260 4.49 -27.27 24.30
C ASP A 260 5.17 -26.28 25.24
N LEU A 261 5.29 -25.03 24.82
CA LEU A 261 5.90 -23.99 25.65
C LEU A 261 5.01 -23.67 26.85
N GLY A 262 3.71 -23.65 26.62
CA GLY A 262 2.76 -23.39 27.69
C GLY A 262 1.73 -22.33 27.35
N TYR A 263 1.22 -22.38 26.13
CA TYR A 263 0.12 -21.49 25.73
C TYR A 263 -0.93 -22.29 24.97
N SER A 264 -2.16 -22.26 25.45
CA SER A 264 -3.25 -22.96 24.79
C SER A 264 -3.57 -22.29 23.45
N CYS A 265 -3.51 -23.06 22.37
CA CYS A 265 -3.77 -22.52 21.03
C CYS A 265 -4.39 -23.53 20.06
N TYR A 266 -5.15 -23.04 19.09
CA TYR A 266 -5.73 -23.88 18.04
C TYR A 266 -4.97 -23.70 16.73
N TYR A 267 -5.32 -24.51 15.72
CA TYR A 267 -4.74 -24.35 14.39
C TYR A 267 -5.75 -24.62 13.27
N SER A 268 -5.55 -23.94 12.14
CA SER A 268 -6.36 -24.15 10.95
C SER A 268 -5.49 -24.04 9.71
N HIS A 269 -5.93 -24.65 8.62
CA HIS A 269 -5.28 -24.52 7.32
C HIS A 269 -6.18 -25.09 6.23
N ALA A 270 -5.76 -24.96 4.97
CA ALA A 270 -6.61 -25.37 3.87
C ALA A 270 -6.76 -26.88 3.77
N ARG A 271 -5.68 -27.60 4.03
CA ARG A 271 -5.69 -29.06 3.95
C ARG A 271 -6.57 -29.71 5.02
N MET A 272 -7.06 -28.89 5.96
CA MET A 272 -8.03 -29.30 6.96
C MET A 272 -9.42 -29.33 6.34
N LYS A 273 -10.33 -30.10 6.94
CA LYS A 273 -11.73 -30.10 6.54
C LYS A 273 -12.34 -28.69 6.63
N GLN A 274 -13.38 -28.45 5.84
CA GLN A 274 -14.07 -27.17 5.85
C GLN A 274 -14.86 -26.99 7.14
N GLN A 275 -15.62 -28.03 7.49
CA GLN A 275 -16.43 -28.01 8.71
C GLN A 275 -15.55 -27.85 9.95
N GLU A 276 -14.45 -28.59 9.99
CA GLU A 276 -13.50 -28.48 11.09
C GLU A 276 -12.86 -27.10 11.12
N ARG A 277 -12.64 -26.52 9.94
CA ARG A 277 -12.06 -25.20 9.83
C ARG A 277 -12.97 -24.15 10.45
N ASN A 278 -14.23 -24.11 10.01
CA ASN A 278 -15.20 -23.17 10.55
C ASN A 278 -15.48 -23.43 12.03
N LYS A 279 -15.34 -24.69 12.42
CA LYS A 279 -15.51 -25.08 13.81
C LYS A 279 -14.45 -24.44 14.68
N VAL A 280 -13.18 -24.69 14.33
CA VAL A 280 -12.06 -24.07 15.03
C VAL A 280 -12.14 -22.55 14.97
N PHE A 281 -12.70 -22.05 13.87
CA PHE A 281 -12.90 -20.60 13.69
C PHE A 281 -13.81 -20.06 14.78
N HIS A 282 -15.02 -20.62 14.87
CA HIS A 282 -16.00 -20.14 15.85
C HIS A 282 -15.53 -20.39 17.28
N GLU A 283 -14.91 -21.56 17.50
CA GLU A 283 -14.36 -21.91 18.81
C GLU A 283 -13.32 -20.88 19.24
N PHE A 284 -12.53 -20.40 18.28
CA PHE A 284 -11.52 -19.40 18.56
C PHE A 284 -12.17 -18.05 18.83
N ARG A 285 -13.21 -17.73 18.07
CA ARG A 285 -13.95 -16.49 18.27
C ARG A 285 -14.54 -16.43 19.67
N GLN A 286 -14.93 -17.60 20.19
CA GLN A 286 -15.45 -17.70 21.54
C GLN A 286 -14.40 -17.29 22.57
N GLY A 287 -13.18 -17.80 22.40
CA GLY A 287 -12.09 -17.47 23.29
C GLY A 287 -11.66 -18.65 24.14
N LYS A 288 -11.78 -19.84 23.59
CA LYS A 288 -11.37 -21.05 24.28
C LYS A 288 -9.86 -21.06 24.51
N VAL A 289 -9.11 -20.86 23.43
CA VAL A 289 -7.66 -20.72 23.53
C VAL A 289 -7.26 -19.30 23.14
N ARG A 290 -6.17 -18.82 23.72
CA ARG A 290 -5.77 -17.43 23.57
C ARG A 290 -4.95 -17.16 22.31
N THR A 291 -4.80 -18.16 21.45
CA THR A 291 -4.00 -17.99 20.24
C THR A 291 -4.44 -18.94 19.13
N LEU A 292 -4.23 -18.53 17.88
CA LEU A 292 -4.48 -19.38 16.72
C LEU A 292 -3.32 -19.31 15.74
N VAL A 293 -2.99 -20.43 15.13
CA VAL A 293 -1.98 -20.48 14.08
C VAL A 293 -2.58 -21.04 12.81
N CYS A 294 -2.59 -20.26 11.74
CA CYS A 294 -3.32 -20.64 10.54
C CYS A 294 -2.64 -20.25 9.23
N SER A 295 -2.75 -21.13 8.23
CA SER A 295 -2.15 -20.89 6.92
C SER A 295 -3.07 -20.03 6.07
N ASP A 296 -4.36 -20.29 6.16
CA ASP A 296 -5.33 -19.59 5.33
C ASP A 296 -6.66 -19.32 6.03
N LEU A 297 -7.26 -18.18 5.68
CA LEU A 297 -8.59 -17.83 6.14
C LEU A 297 -9.42 -17.29 4.97
N LEU A 298 -9.65 -18.16 4.00
CA LEU A 298 -10.51 -17.86 2.85
C LEU A 298 -11.87 -17.37 3.32
N THR A 299 -12.40 -18.02 4.35
CA THR A 299 -13.61 -17.55 5.00
C THR A 299 -13.34 -16.18 5.62
N ARG A 300 -14.20 -15.24 5.33
CA ARG A 300 -14.07 -13.92 5.90
C ARG A 300 -15.30 -13.53 6.69
N GLY A 301 -15.09 -13.16 7.94
CA GLY A 301 -16.12 -12.67 8.81
C GLY A 301 -15.62 -11.35 9.34
N ILE A 302 -16.49 -10.36 9.42
CA ILE A 302 -16.02 -9.03 9.74
C ILE A 302 -15.38 -8.89 11.12
N ASP A 303 -14.20 -8.28 11.14
CA ASP A 303 -13.66 -7.48 12.23
C ASP A 303 -13.68 -8.07 13.64
N ILE A 304 -13.18 -9.29 13.83
CA ILE A 304 -13.24 -9.88 15.16
C ILE A 304 -12.52 -8.93 16.10
N GLN A 305 -13.24 -8.52 17.14
CA GLN A 305 -12.73 -7.60 18.16
C GLN A 305 -11.64 -8.16 19.02
N ALA A 306 -11.80 -9.43 19.39
CA ALA A 306 -11.02 -10.02 20.45
C ALA A 306 -9.54 -10.01 20.10
N VAL A 307 -9.23 -10.31 18.86
CA VAL A 307 -7.86 -10.30 18.43
C VAL A 307 -7.33 -8.89 18.56
N ASN A 308 -6.15 -8.76 19.13
CA ASN A 308 -5.45 -7.48 19.23
C ASN A 308 -4.00 -7.56 18.78
N VAL A 309 -3.55 -8.76 18.42
CA VAL A 309 -2.18 -8.97 17.96
C VAL A 309 -2.12 -9.97 16.82
N VAL A 310 -1.54 -9.57 15.69
CA VAL A 310 -1.37 -10.47 14.56
C VAL A 310 0.13 -10.61 14.28
N ILE A 311 0.57 -11.83 13.96
CA ILE A 311 1.99 -12.06 13.70
C ILE A 311 2.25 -12.92 12.48
N ASN A 312 3.05 -12.41 11.55
CA ASN A 312 3.55 -13.20 10.43
C ASN A 312 4.85 -13.90 10.78
N PHE A 313 4.73 -15.13 11.27
CA PHE A 313 5.87 -15.97 11.57
C PHE A 313 6.69 -16.16 10.30
N ASP A 314 5.98 -16.28 9.19
CA ASP A 314 6.59 -16.31 7.87
C ASP A 314 6.03 -15.16 7.05
N PHE A 315 6.90 -14.25 6.63
CA PHE A 315 6.49 -13.11 5.82
C PHE A 315 5.96 -13.61 4.48
N PRO A 316 4.82 -13.05 4.03
CA PRO A 316 4.20 -13.48 2.78
C PRO A 316 5.01 -13.01 1.58
N LYS A 317 4.77 -13.62 0.43
CA LYS A 317 5.51 -13.28 -0.78
C LYS A 317 4.84 -12.14 -1.55
N THR A 318 3.52 -12.08 -1.49
CA THR A 318 2.77 -11.07 -2.24
C THR A 318 1.93 -10.16 -1.33
N ALA A 319 1.68 -8.94 -1.79
CA ALA A 319 0.94 -7.95 -1.01
C ALA A 319 -0.53 -8.31 -0.85
N GLU A 320 -1.06 -9.10 -1.78
CA GLU A 320 -2.44 -9.58 -1.67
C GLU A 320 -2.58 -10.46 -0.43
N THR A 321 -1.66 -11.41 -0.30
CA THR A 321 -1.64 -12.31 0.85
C THR A 321 -1.47 -11.53 2.14
N TYR A 322 -0.50 -10.61 2.16
CA TYR A 322 -0.24 -9.80 3.33
C TYR A 322 -1.48 -9.02 3.74
N LEU A 323 -2.18 -8.45 2.76
CA LEU A 323 -3.38 -7.67 3.04
C LEU A 323 -4.48 -8.56 3.61
N HIS A 324 -4.64 -9.75 3.03
CA HIS A 324 -5.64 -10.69 3.52
C HIS A 324 -5.33 -11.10 4.96
N ARG A 325 -4.05 -11.19 5.29
CA ARG A 325 -3.63 -11.59 6.63
C ARG A 325 -3.79 -10.49 7.67
N ILE A 326 -3.41 -9.27 7.31
CA ILE A 326 -3.38 -8.16 8.25
C ILE A 326 -4.62 -7.27 8.17
N GLY A 327 -5.12 -7.06 6.95
CA GLY A 327 -6.26 -6.19 6.74
C GLY A 327 -7.55 -6.63 7.41
N ARG A 328 -8.14 -5.72 8.18
CA ARG A 328 -9.45 -5.96 8.77
C ARG A 328 -10.53 -5.34 7.89
N SER A 329 -11.74 -5.87 7.96
CA SER A 329 -12.80 -5.46 7.04
C SER A 329 -13.53 -4.19 7.46
N GLY A 330 -13.50 -3.89 8.75
CA GLY A 330 -14.18 -2.72 9.28
C GLY A 330 -13.68 -1.42 8.67
N ARG A 331 -14.58 -0.69 8.01
CA ARG A 331 -14.26 0.60 7.40
C ARG A 331 -13.65 1.56 8.41
N PHE A 332 -14.06 1.43 9.66
CA PHE A 332 -13.63 2.34 10.71
C PHE A 332 -12.29 1.90 11.32
N GLY A 333 -11.62 2.83 12.01
CA GLY A 333 -10.29 2.57 12.51
C GLY A 333 -10.12 1.42 13.48
N HIS A 334 -10.30 0.18 13.00
CA HIS A 334 -10.02 -1.01 13.78
C HIS A 334 -8.63 -0.94 14.41
N LEU A 335 -8.56 -1.06 15.73
CA LEU A 335 -7.29 -1.00 16.46
C LEU A 335 -6.62 -2.37 16.54
N GLY A 336 -5.38 -2.44 16.09
CA GLY A 336 -4.61 -3.68 16.14
C GLY A 336 -3.11 -3.52 16.01
N LEU A 337 -2.42 -4.65 16.06
CA LEU A 337 -0.97 -4.68 16.01
C LEU A 337 -0.50 -5.82 15.13
N ALA A 338 0.46 -5.55 14.26
CA ALA A 338 1.00 -6.58 13.39
C ALA A 338 2.52 -6.65 13.53
N ILE A 339 3.05 -7.85 13.75
CA ILE A 339 4.48 -8.06 13.84
C ILE A 339 4.93 -9.04 12.77
N ASN A 340 5.87 -8.63 11.94
CA ASN A 340 6.38 -9.48 10.87
C ASN A 340 7.77 -10.00 11.20
N LEU A 341 7.98 -11.29 11.01
CA LEU A 341 9.31 -11.87 11.21
C LEU A 341 10.04 -11.92 9.86
N ILE A 342 11.12 -11.15 9.75
CA ILE A 342 11.80 -10.98 8.46
C ILE A 342 13.00 -11.90 8.27
N ASN A 343 12.84 -12.89 7.39
CA ASN A 343 13.93 -13.76 6.97
C ASN A 343 14.92 -12.96 6.14
N TRP A 344 16.09 -13.52 5.87
CA TRP A 344 17.05 -12.87 4.99
C TRP A 344 16.47 -12.72 3.59
N ASN A 345 15.69 -13.71 3.18
CA ASN A 345 15.09 -13.73 1.85
C ASN A 345 13.73 -13.04 1.81
N ASP A 346 13.43 -12.26 2.84
CA ASP A 346 12.16 -11.54 2.90
C ASP A 346 12.37 -10.03 2.89
N ARG A 347 13.62 -9.62 3.12
CA ARG A 347 14.01 -8.22 3.13
C ARG A 347 13.48 -7.42 1.94
N PHE A 348 13.45 -8.04 0.76
CA PHE A 348 12.92 -7.39 -0.42
C PHE A 348 11.40 -7.39 -0.41
N ASN A 349 10.80 -8.53 -0.09
CA ASN A 349 9.34 -8.64 -0.04
C ASN A 349 8.71 -7.68 0.96
N LEU A 350 9.48 -7.29 1.97
CA LEU A 350 9.06 -6.28 2.91
C LEU A 350 9.06 -4.91 2.26
N TYR A 351 10.11 -4.60 1.52
CA TYR A 351 10.20 -3.32 0.81
C TYR A 351 9.09 -3.23 -0.21
N LYS A 352 8.92 -4.29 -0.99
CA LYS A 352 7.93 -4.32 -2.06
C LYS A 352 6.54 -4.14 -1.49
N ILE A 353 6.14 -5.02 -0.57
CA ILE A 353 4.81 -4.98 0.01
C ILE A 353 4.50 -3.62 0.66
N GLU A 354 5.39 -3.17 1.55
CA GLU A 354 5.29 -1.84 2.16
C GLU A 354 4.99 -0.77 1.11
N GLN A 355 5.53 -0.96 -0.09
CA GLN A 355 5.36 0.00 -1.17
C GLN A 355 4.01 -0.19 -1.86
N GLU A 356 3.67 -1.45 -2.16
CA GLU A 356 2.48 -1.76 -2.94
C GLU A 356 1.19 -1.35 -2.23
N LEU A 357 1.07 -1.72 -0.96
CA LEU A 357 -0.12 -1.41 -0.17
C LEU A 357 -0.10 0.02 0.34
N GLY A 358 1.01 0.71 0.09
CA GLY A 358 1.17 2.10 0.51
C GLY A 358 1.00 2.29 2.00
N THR A 359 1.67 1.46 2.78
CA THR A 359 1.58 1.52 4.23
C THR A 359 2.97 1.64 4.85
N GLU A 360 3.02 1.73 6.17
CA GLU A 360 4.29 1.83 6.88
C GLU A 360 4.53 0.66 7.81
N ILE A 361 5.57 -0.11 7.51
CA ILE A 361 6.03 -1.17 8.41
C ILE A 361 7.37 -0.75 9.01
N ALA A 362 7.31 -0.11 10.17
CA ALA A 362 8.51 0.42 10.81
C ALA A 362 9.23 -0.66 11.62
N ALA A 363 10.48 -0.40 11.97
CA ALA A 363 11.25 -1.30 12.80
C ALA A 363 10.64 -1.38 14.19
N ILE A 364 10.52 -2.60 14.72
CA ILE A 364 9.90 -2.81 16.02
C ILE A 364 10.71 -2.12 17.12
N PRO A 365 10.05 -1.26 17.89
CA PRO A 365 10.72 -0.56 18.98
C PRO A 365 10.78 -1.43 20.23
N ALA A 366 11.66 -1.09 21.16
CA ALA A 366 11.71 -1.79 22.43
C ALA A 366 10.44 -1.49 23.20
N THR A 367 10.05 -0.22 23.22
CA THR A 367 8.87 0.22 23.95
C THR A 367 7.68 0.46 23.03
N ILE A 368 6.82 -0.55 22.92
CA ILE A 368 5.59 -0.42 22.15
C ILE A 368 4.50 0.16 23.05
N ASP A 369 3.96 1.31 22.65
CA ASP A 369 2.88 1.96 23.40
C ASP A 369 1.70 1.01 23.54
N LYS A 370 1.19 0.88 24.75
CA LYS A 370 0.06 0.00 25.01
C LYS A 370 -1.22 0.54 24.36
N SER A 371 -1.20 1.81 24.00
CA SER A 371 -2.36 2.45 23.37
C SER A 371 -2.62 1.94 21.95
N LEU A 372 -1.70 1.12 21.43
CA LEU A 372 -1.77 0.71 20.03
C LEU A 372 -2.32 -0.69 19.81
N TYR A 373 -2.35 -1.51 20.85
CA TYR A 373 -2.86 -2.87 20.73
C TYR A 373 -3.79 -3.28 21.87
N VAL A 374 -4.24 -2.28 22.63
CA VAL A 374 -5.24 -2.47 23.68
C VAL A 374 -5.77 -1.12 24.16
N ALA A 375 -7.05 -1.08 24.49
CA ALA A 375 -7.69 0.14 25.01
C ALA A 375 -8.96 -0.18 25.78
N HIS B 15 12.43 -29.78 4.27
CA HIS B 15 11.30 -29.41 5.11
C HIS B 15 11.68 -28.36 6.14
N ILE B 16 10.88 -28.28 7.21
CA ILE B 16 11.08 -27.28 8.27
C ILE B 16 12.44 -27.41 8.93
N ASP B 17 12.99 -26.28 9.40
CA ASP B 17 14.27 -26.29 10.08
C ASP B 17 14.27 -25.87 11.55
N TRP B 18 13.31 -25.04 11.93
CA TRP B 18 13.32 -24.48 13.28
C TRP B 18 13.15 -25.45 14.44
N GLN B 19 12.31 -26.47 14.30
CA GLN B 19 11.86 -27.22 15.46
C GLN B 19 13.02 -27.85 16.23
N ASP B 20 13.95 -28.44 15.51
CA ASP B 20 15.12 -29.00 16.16
C ASP B 20 15.84 -27.83 16.80
N ASP B 21 15.82 -26.70 16.12
CA ASP B 21 16.54 -25.51 16.53
C ASP B 21 16.09 -25.00 17.89
N ASP B 22 14.79 -25.07 18.14
CA ASP B 22 14.26 -24.53 19.38
C ASP B 22 13.36 -25.52 20.07
N VAL B 23 13.95 -26.53 20.68
CA VAL B 23 13.15 -27.51 21.40
C VAL B 23 12.42 -26.79 22.52
N SER B 24 11.15 -27.12 22.68
CA SER B 24 10.28 -26.42 23.63
C SER B 24 10.72 -26.58 25.07
N LYS B 25 11.19 -27.77 25.42
CA LYS B 25 11.39 -28.12 26.81
C LYS B 25 12.40 -27.26 27.55
N ILE B 26 13.55 -26.97 26.94
CA ILE B 26 14.53 -26.16 27.64
C ILE B 26 13.98 -24.77 27.90
N LYS B 27 13.42 -24.16 26.87
CA LYS B 27 12.62 -22.95 26.98
C LYS B 27 13.36 -21.85 27.72
N GLN B 28 14.69 -21.80 27.60
CA GLN B 28 15.45 -20.82 28.35
C GLN B 28 16.48 -20.04 27.55
N GLN B 29 16.38 -18.72 27.59
CA GLN B 29 17.43 -17.84 27.13
C GLN B 29 17.22 -16.44 27.67
N GLU B 30 18.25 -15.61 27.70
CA GLU B 30 18.02 -14.19 27.87
C GLU B 30 17.08 -13.78 26.74
N ASP B 31 15.99 -13.09 27.09
CA ASP B 31 14.93 -12.77 26.13
C ASP B 31 15.48 -12.12 24.86
N PHE B 32 15.03 -12.64 23.72
CA PHE B 32 15.53 -12.23 22.41
C PHE B 32 15.57 -10.70 22.26
N ASP B 33 16.72 -10.21 21.83
CA ASP B 33 16.91 -8.78 21.61
C ASP B 33 16.72 -8.46 20.12
N PHE B 34 15.73 -7.62 19.83
CA PHE B 34 15.45 -7.25 18.44
C PHE B 34 16.48 -6.25 17.93
N GLN B 35 16.86 -5.32 18.79
CA GLN B 35 17.74 -4.21 18.42
C GLN B 35 19.08 -4.66 17.86
N ARG B 36 19.57 -5.81 18.34
CA ARG B 36 20.86 -6.32 17.89
C ARG B 36 20.77 -6.91 16.48
N ASN B 37 19.65 -7.56 16.20
CA ASN B 37 19.43 -8.18 14.90
C ASN B 37 19.05 -7.16 13.84
N LEU B 38 18.51 -6.03 14.28
CA LEU B 38 18.17 -4.94 13.37
C LEU B 38 19.43 -4.31 12.79
N GLY B 39 20.56 -4.53 13.45
CA GLY B 39 21.85 -4.09 12.94
C GLY B 39 22.40 -5.09 11.94
N MET B 40 21.92 -6.33 12.03
CA MET B 40 22.29 -7.38 11.10
C MET B 40 21.43 -7.32 9.85
N PHE B 41 20.59 -6.29 9.77
CA PHE B 41 19.70 -6.10 8.63
C PHE B 41 20.50 -5.90 7.34
N ASN B 42 21.70 -5.36 7.48
CA ASN B 42 22.62 -5.23 6.35
C ASN B 42 23.75 -6.23 6.43
N LYS B 43 23.91 -7.03 5.38
CA LYS B 43 24.91 -8.10 5.36
C LYS B 43 25.50 -8.28 3.96
#